data_8Z69
#
_entry.id   8Z69
#
_cell.length_a   89.270
_cell.length_b   95.530
_cell.length_c   110.710
_cell.angle_alpha   90.00
_cell.angle_beta   90.00
_cell.angle_gamma   90.00
#
_symmetry.space_group_name_H-M   'P 21 21 21'
#
loop_
_entity.id
_entity.type
_entity.pdbx_description
1 polymer BRD2_HUMAN
2 non-polymer 7-(2-(4-fluoro-2,6-dimethylphenoxy)-5-(2-hydroxypropan-2-yl)phenyl)-5-methyl-2-(2-phenyl-1H-imidazol-5-yl)furo[3,2-c]pyridin-4(5H)-one
3 non-polymer 'FORMIC ACID'
4 non-polymer GLYCEROL
5 non-polymer 1,2-ETHANEDIOL
6 non-polymer 'SODIUM ION'
7 non-polymer DI(HYDROXYETHYL)ETHER
8 water water
#
_entity_poly.entity_id   1
_entity_poly.type   'polypeptide(L)'
_entity_poly.pdbx_seq_one_letter_code
;EGDIHMKKGHHHHHHENLYFQGGSGKLSEQLKHCNGILKELLSKKHAAYAWPFYKPVDASALGLHDYHDIIKHPMDLSTV
KRKMENRDYRDAQEFAADVRLMFSNCYKYNPPDHDVVAMARKLQDVFEFRYAKMPD
;
_entity_poly.pdbx_strand_id   A,B,C,D
#
# COMPACT_ATOMS: atom_id res chain seq x y z
N LEU A 27 15.26 13.40 14.95
CA LEU A 27 16.55 12.66 15.17
C LEU A 27 16.73 11.63 14.05
N SER A 28 17.93 11.58 13.45
CA SER A 28 18.42 10.51 12.56
C SER A 28 18.27 9.15 13.25
N GLU A 29 18.62 9.08 14.53
CA GLU A 29 18.55 7.83 15.37
C GLU A 29 17.11 7.28 15.36
N GLN A 30 16.11 8.14 15.57
CA GLN A 30 14.68 7.74 15.60
C GLN A 30 14.28 7.19 14.23
N LEU A 31 14.66 7.88 13.14
CA LEU A 31 14.26 7.48 11.77
C LEU A 31 15.02 6.21 11.37
N LYS A 32 16.24 6.00 11.90
CA LYS A 32 16.97 4.72 11.70
C LYS A 32 16.17 3.58 12.33
N HIS A 33 15.63 3.77 13.53
CA HIS A 33 14.78 2.74 14.20
CA HIS A 33 14.78 2.74 14.20
C HIS A 33 13.52 2.51 13.35
N CYS A 34 12.93 3.58 12.81
CA CYS A 34 11.72 3.49 11.95
C CYS A 34 12.05 2.66 10.70
N ASN A 35 13.23 2.88 10.13
CA ASN A 35 13.71 2.08 8.97
C ASN A 35 13.81 0.60 9.35
N GLY A 36 14.31 0.31 10.57
CA GLY A 36 14.37 -1.06 11.10
C GLY A 36 12.98 -1.67 11.25
N ILE A 37 12.00 -0.89 11.68
CA ILE A 37 10.59 -1.36 11.82
C ILE A 37 10.05 -1.71 10.43
N LEU A 38 10.24 -0.82 9.47
CA LEU A 38 9.77 -1.06 8.08
C LEU A 38 10.38 -2.35 7.54
N LYS A 39 11.69 -2.55 7.71
CA LYS A 39 12.37 -3.79 7.24
CA LYS A 39 12.37 -3.79 7.24
C LYS A 39 11.72 -5.01 7.90
N GLU A 40 11.39 -4.92 9.19
CA GLU A 40 10.72 -6.05 9.88
C GLU A 40 9.34 -6.30 9.26
N LEU A 41 8.55 -5.24 9.03
CA LEU A 41 7.17 -5.40 8.49
C LEU A 41 7.23 -6.06 7.10
N LEU A 42 8.32 -5.82 6.36
CA LEU A 42 8.48 -6.30 4.97
C LEU A 42 9.15 -7.68 4.94
N SER A 43 9.58 -8.22 6.09
CA SER A 43 10.40 -9.45 6.17
C SER A 43 9.53 -10.70 5.93
N LYS A 44 10.15 -11.79 5.49
CA LYS A 44 9.42 -13.01 5.05
C LYS A 44 8.58 -13.57 6.21
N LYS A 45 9.00 -13.44 7.45
CA LYS A 45 8.25 -14.08 8.57
C LYS A 45 6.83 -13.51 8.67
N HIS A 46 6.58 -12.29 8.20
CA HIS A 46 5.23 -11.65 8.28
C HIS A 46 4.49 -11.71 6.94
N ALA A 47 5.05 -12.34 5.91
CA ALA A 47 4.54 -12.22 4.51
C ALA A 47 3.10 -12.74 4.40
N ALA A 48 2.72 -13.75 5.19
CA ALA A 48 1.38 -14.38 5.10
C ALA A 48 0.27 -13.37 5.45
N TYR A 49 0.56 -12.31 6.21
CA TYR A 49 -0.45 -11.28 6.55
C TYR A 49 -0.03 -9.88 6.07
N ALA A 50 1.23 -9.65 5.69
CA ALA A 50 1.71 -8.33 5.25
C ALA A 50 1.42 -8.10 3.76
N TRP A 51 1.27 -9.14 2.95
CA TRP A 51 1.30 -8.98 1.47
C TRP A 51 0.21 -8.02 0.97
N PRO A 52 -1.02 -7.95 1.56
CA PRO A 52 -2.02 -7.02 1.07
C PRO A 52 -1.64 -5.53 1.21
N PHE A 53 -0.59 -5.24 1.98
CA PHE A 53 -0.13 -3.88 2.34
C PHE A 53 1.17 -3.53 1.62
N TYR A 54 1.69 -4.42 0.78
CA TYR A 54 3.01 -4.22 0.12
C TYR A 54 2.94 -3.08 -0.91
N LYS A 55 1.84 -2.97 -1.62
CA LYS A 55 1.60 -1.98 -2.69
C LYS A 55 0.23 -1.39 -2.49
N PRO A 56 -0.08 -0.23 -3.14
CA PRO A 56 -1.40 0.38 -3.04
C PRO A 56 -2.47 -0.64 -3.39
N VAL A 57 -3.61 -0.52 -2.73
CA VAL A 57 -4.81 -1.29 -3.10
C VAL A 57 -5.12 -0.93 -4.56
N ASP A 58 -5.19 -1.91 -5.45
CA ASP A 58 -5.50 -1.59 -6.87
C ASP A 58 -7.02 -1.56 -7.04
N ALA A 59 -7.65 -0.47 -6.64
CA ALA A 59 -9.11 -0.29 -6.63
C ALA A 59 -9.66 -0.40 -8.05
N SER A 60 -8.98 0.21 -9.02
CA SER A 60 -9.34 0.17 -10.46
C SER A 60 -9.38 -1.30 -10.92
N ALA A 61 -8.29 -2.03 -10.73
CA ALA A 61 -8.18 -3.44 -11.19
C ALA A 61 -9.25 -4.30 -10.53
N LEU A 62 -9.52 -4.12 -9.23
CA LEU A 62 -10.47 -4.98 -8.46
C LEU A 62 -11.92 -4.56 -8.73
N GLY A 63 -12.15 -3.42 -9.39
CA GLY A 63 -13.49 -2.89 -9.65
C GLY A 63 -14.13 -2.30 -8.39
N LEU A 64 -13.31 -1.77 -7.48
CA LEU A 64 -13.78 -1.11 -6.24
C LEU A 64 -14.08 0.36 -6.58
N HIS A 65 -15.26 0.61 -7.17
CA HIS A 65 -15.61 1.94 -7.74
C HIS A 65 -15.80 2.96 -6.62
N ASP A 66 -15.99 2.53 -5.36
CA ASP A 66 -16.20 3.45 -4.21
C ASP A 66 -14.92 3.61 -3.38
N TYR A 67 -13.82 2.92 -3.67
CA TYR A 67 -12.63 2.89 -2.78
C TYR A 67 -12.12 4.31 -2.57
N HIS A 68 -11.91 5.07 -3.64
CA HIS A 68 -11.30 6.42 -3.59
C HIS A 68 -12.32 7.47 -3.14
N ASP A 69 -13.61 7.13 -3.11
CA ASP A 69 -14.66 7.99 -2.50
C ASP A 69 -14.58 7.86 -0.98
N ILE A 70 -14.34 6.66 -0.47
CA ILE A 70 -14.37 6.37 0.99
C ILE A 70 -12.98 6.64 1.59
N ILE A 71 -11.91 6.23 0.90
CA ILE A 71 -10.51 6.41 1.35
C ILE A 71 -9.91 7.60 0.60
N LYS A 72 -9.83 8.76 1.26
CA LYS A 72 -9.34 10.02 0.63
C LYS A 72 -7.82 10.02 0.51
N HIS A 73 -7.11 9.32 1.40
CA HIS A 73 -5.63 9.32 1.47
C HIS A 73 -5.14 7.89 1.58
N PRO A 74 -5.05 7.15 0.45
CA PRO A 74 -4.50 5.81 0.45
C PRO A 74 -3.07 5.77 0.97
N MET A 75 -2.70 4.67 1.60
CA MET A 75 -1.32 4.47 2.08
C MET A 75 -0.99 2.98 2.06
N ASP A 76 0.28 2.66 1.85
CA ASP A 76 0.80 1.28 1.77
C ASP A 76 2.30 1.29 2.10
N LEU A 77 2.87 0.12 2.33
CA LEU A 77 4.28 0.00 2.80
C LEU A 77 5.26 0.45 1.72
N SER A 78 4.94 0.29 0.43
CA SER A 78 5.85 0.75 -0.66
CA SER A 78 5.84 0.75 -0.66
C SER A 78 5.93 2.27 -0.62
N THR A 79 4.81 2.96 -0.35
CA THR A 79 4.76 4.44 -0.27
C THR A 79 5.60 4.87 0.93
N VAL A 80 5.44 4.20 2.06
CA VAL A 80 6.23 4.52 3.29
C VAL A 80 7.73 4.33 2.99
N LYS A 81 8.11 3.24 2.35
CA LYS A 81 9.51 2.92 1.99
C LYS A 81 10.09 4.02 1.09
N ARG A 82 9.32 4.45 0.09
CA ARG A 82 9.79 5.50 -0.86
C ARG A 82 9.99 6.81 -0.09
N LYS A 83 9.05 7.16 0.80
CA LYS A 83 9.15 8.41 1.59
C LYS A 83 10.39 8.34 2.49
N MET A 84 10.67 7.18 3.10
CA MET A 84 11.85 6.97 3.97
C MET A 84 13.13 7.16 3.13
N GLU A 85 13.21 6.51 1.97
CA GLU A 85 14.38 6.58 1.05
C GLU A 85 14.58 8.04 0.59
N ASN A 86 13.49 8.78 0.41
CA ASN A 86 13.53 10.18 -0.09
C ASN A 86 13.81 11.16 1.05
N ARG A 87 13.88 10.67 2.30
CA ARG A 87 14.08 11.48 3.53
C ARG A 87 12.93 12.48 3.68
N ASP A 88 11.70 12.05 3.40
CA ASP A 88 10.49 12.91 3.45
C ASP A 88 9.96 13.00 4.89
N TYR A 89 10.35 12.10 5.80
CA TYR A 89 9.79 12.09 7.17
C TYR A 89 10.63 13.03 8.05
N ARG A 90 9.96 13.99 8.69
CA ARG A 90 10.59 14.95 9.63
C ARG A 90 10.95 14.22 10.93
N ASP A 91 10.17 13.22 11.35
CA ASP A 91 10.40 12.52 12.64
C ASP A 91 9.62 11.19 12.68
N ALA A 92 9.81 10.42 13.74
CA ALA A 92 9.18 9.08 13.92
C ALA A 92 7.66 9.21 13.95
N GLN A 93 7.12 10.31 14.50
CA GLN A 93 5.66 10.52 14.61
C GLN A 93 5.02 10.58 13.21
N GLU A 94 5.69 11.22 12.25
CA GLU A 94 5.16 11.30 10.86
C GLU A 94 5.13 9.91 10.23
N PHE A 95 6.18 9.12 10.45
CA PHE A 95 6.27 7.71 10.00
C PHE A 95 5.11 6.91 10.60
N ALA A 96 4.93 6.98 11.91
CA ALA A 96 3.86 6.23 12.62
C ALA A 96 2.49 6.65 12.09
N ALA A 97 2.28 7.93 11.80
CA ALA A 97 0.99 8.44 11.29
C ALA A 97 0.67 7.78 9.94
N ASP A 98 1.65 7.62 9.06
CA ASP A 98 1.42 6.98 7.74
C ASP A 98 1.11 5.49 7.94
N VAL A 99 1.84 4.79 8.79
CA VAL A 99 1.59 3.34 9.00
C VAL A 99 0.18 3.17 9.60
N ARG A 100 -0.20 4.02 10.55
CA ARG A 100 -1.55 3.93 11.17
C ARG A 100 -2.64 4.31 10.17
N LEU A 101 -2.36 5.24 9.26
CA LEU A 101 -3.30 5.64 8.19
C LEU A 101 -3.57 4.41 7.32
N MET A 102 -2.54 3.66 6.97
CA MET A 102 -2.65 2.43 6.15
C MET A 102 -3.62 1.45 6.84
N PHE A 103 -3.45 1.22 8.14
CA PHE A 103 -4.33 0.28 8.88
C PHE A 103 -5.73 0.87 8.99
N SER A 104 -5.85 2.15 9.32
CA SER A 104 -7.17 2.81 9.51
C SER A 104 -7.97 2.75 8.20
N ASN A 105 -7.32 2.96 7.06
CA ASN A 105 -7.99 2.86 5.74
C ASN A 105 -8.60 1.47 5.59
N CYS A 106 -7.84 0.44 5.93
CA CYS A 106 -8.27 -0.97 5.83
C CYS A 106 -9.50 -1.18 6.73
N TYR A 107 -9.44 -0.74 7.98
CA TYR A 107 -10.61 -0.91 8.90
C TYR A 107 -11.79 -0.08 8.39
N LYS A 108 -11.54 1.12 7.88
CA LYS A 108 -12.63 2.03 7.44
C LYS A 108 -13.40 1.38 6.27
N TYR A 109 -12.68 0.86 5.29
CA TYR A 109 -13.30 0.41 4.02
C TYR A 109 -14.00 -0.94 4.19
N ASN A 110 -13.48 -1.83 5.04
CA ASN A 110 -13.82 -3.27 5.03
C ASN A 110 -14.78 -3.65 6.15
N PRO A 111 -15.64 -4.66 5.90
CA PRO A 111 -16.43 -5.28 6.97
C PRO A 111 -15.52 -6.09 7.87
N PRO A 112 -15.90 -6.27 9.16
CA PRO A 112 -15.01 -6.85 10.16
C PRO A 112 -14.62 -8.31 9.91
N ASP A 113 -15.38 -9.04 9.09
CA ASP A 113 -15.16 -10.48 8.80
C ASP A 113 -14.31 -10.68 7.53
N HIS A 114 -13.87 -9.62 6.85
CA HIS A 114 -12.98 -9.78 5.66
C HIS A 114 -11.61 -10.28 6.15
N ASP A 115 -11.04 -11.24 5.43
CA ASP A 115 -9.67 -11.78 5.67
C ASP A 115 -8.67 -10.62 5.86
N VAL A 116 -8.80 -9.53 5.09
CA VAL A 116 -7.77 -8.48 5.07
C VAL A 116 -7.78 -7.75 6.43
N VAL A 117 -8.93 -7.68 7.11
CA VAL A 117 -9.02 -7.01 8.43
C VAL A 117 -8.23 -7.83 9.46
N ALA A 118 -8.36 -9.16 9.44
CA ALA A 118 -7.60 -10.06 10.34
C ALA A 118 -6.10 -9.89 10.07
N MET A 119 -5.72 -9.74 8.80
CA MET A 119 -4.31 -9.59 8.40
C MET A 119 -3.77 -8.24 8.88
N ALA A 120 -4.55 -7.16 8.71
CA ALA A 120 -4.19 -5.80 9.17
C ALA A 120 -3.90 -5.86 10.68
N ARG A 121 -4.77 -6.52 11.44
CA ARG A 121 -4.62 -6.56 12.93
C ARG A 121 -3.32 -7.26 13.30
N LYS A 122 -2.99 -8.37 12.64
CA LYS A 122 -1.76 -9.13 12.91
C LYS A 122 -0.54 -8.26 12.59
N LEU A 123 -0.54 -7.58 11.45
CA LEU A 123 0.62 -6.73 11.09
C LEU A 123 0.67 -5.51 12.03
N GLN A 124 -0.48 -4.94 12.38
CA GLN A 124 -0.49 -3.75 13.26
C GLN A 124 0.08 -4.13 14.64
N ASP A 125 -0.17 -5.35 15.11
CA ASP A 125 0.39 -5.80 16.41
C ASP A 125 1.92 -5.78 16.34
N VAL A 126 2.50 -6.19 15.20
CA VAL A 126 3.98 -6.18 15.01
C VAL A 126 4.45 -4.73 15.03
N PHE A 127 3.81 -3.87 14.25
CA PHE A 127 4.18 -2.44 14.14
C PHE A 127 4.10 -1.77 15.53
N GLU A 128 2.97 -1.88 16.22
CA GLU A 128 2.75 -1.13 17.49
C GLU A 128 3.78 -1.56 18.53
N PHE A 129 4.08 -2.86 18.59
CA PHE A 129 5.04 -3.41 19.57
C PHE A 129 6.44 -2.86 19.29
N ARG A 130 6.89 -2.89 18.04
CA ARG A 130 8.26 -2.44 17.66
C ARG A 130 8.34 -0.92 17.84
N TYR A 131 7.30 -0.19 17.45
CA TYR A 131 7.29 1.29 17.54
C TYR A 131 7.39 1.72 19.01
N ALA A 132 6.71 0.99 19.90
CA ALA A 132 6.70 1.31 21.35
C ALA A 132 8.10 1.13 21.96
N LYS A 133 8.94 0.27 21.38
CA LYS A 133 10.29 -0.07 21.90
C LYS A 133 11.34 0.92 21.35
N MET A 134 10.94 1.96 20.65
CA MET A 134 11.87 2.96 20.08
C MET A 134 12.59 3.71 21.21
N PRO A 135 13.95 3.72 21.26
CA PRO A 135 14.70 4.68 22.07
C PRO A 135 14.61 6.11 21.52
N LYS B 26 -22.20 20.38 24.30
CA LYS B 26 -20.81 20.95 24.25
C LYS B 26 -19.89 20.08 23.38
N LEU B 27 -20.27 18.84 23.08
CA LEU B 27 -19.41 17.84 22.37
C LEU B 27 -19.71 17.90 20.87
N SER B 28 -18.66 18.03 20.05
CA SER B 28 -18.72 17.93 18.56
C SER B 28 -19.25 16.54 18.18
N GLU B 29 -19.73 16.37 16.94
CA GLU B 29 -20.17 15.08 16.37
C GLU B 29 -19.06 14.03 16.47
N GLN B 30 -17.84 14.39 16.09
CA GLN B 30 -16.66 13.48 16.14
C GLN B 30 -16.39 13.07 17.60
N LEU B 31 -16.40 14.03 18.54
CA LEU B 31 -16.10 13.72 19.96
C LEU B 31 -17.26 12.92 20.58
N LYS B 32 -18.49 13.10 20.09
CA LYS B 32 -19.64 12.25 20.50
C LYS B 32 -19.37 10.81 20.09
N HIS B 33 -18.86 10.57 18.87
CA HIS B 33 -18.51 9.21 18.41
CA HIS B 33 -18.51 9.20 18.40
C HIS B 33 -17.37 8.65 19.29
N CYS B 34 -16.39 9.50 19.63
CA CYS B 34 -15.26 9.12 20.51
C CYS B 34 -15.79 8.69 21.89
N ASN B 35 -16.77 9.43 22.41
CA ASN B 35 -17.44 9.08 23.69
C ASN B 35 -18.10 7.71 23.57
N GLY B 36 -18.75 7.41 22.43
CA GLY B 36 -19.35 6.09 22.18
C GLY B 36 -18.30 4.99 22.17
N ILE B 37 -17.12 5.26 21.59
CA ILE B 37 -16.00 4.27 21.57
C ILE B 37 -15.54 4.00 23.02
N LEU B 38 -15.33 5.06 23.78
CA LEU B 38 -14.88 4.94 25.18
C LEU B 38 -15.89 4.10 25.98
N LYS B 39 -17.19 4.38 25.83
CA LYS B 39 -18.25 3.62 26.54
C LYS B 39 -18.14 2.13 26.15
N GLU B 40 -17.89 1.85 24.86
CA GLU B 40 -17.72 0.44 24.42
C GLU B 40 -16.49 -0.17 25.10
N LEU B 41 -15.35 0.53 25.14
CA LEU B 41 -14.10 -0.03 25.71
C LEU B 41 -14.32 -0.35 27.20
N LEU B 42 -15.20 0.40 27.87
CA LEU B 42 -15.46 0.26 29.32
C LEU B 42 -16.60 -0.75 29.59
N SER B 43 -17.25 -1.27 28.54
CA SER B 43 -18.48 -2.09 28.67
C SER B 43 -18.15 -3.51 29.11
N LYS B 44 -19.12 -4.18 29.72
CA LYS B 44 -18.94 -5.54 30.29
C LYS B 44 -18.46 -6.53 29.22
N LYS B 45 -18.87 -6.38 27.96
CA LYS B 45 -18.53 -7.42 26.94
C LYS B 45 -17.01 -7.50 26.75
N HIS B 46 -16.25 -6.44 27.04
CA HIS B 46 -14.77 -6.44 26.82
C HIS B 46 -14.02 -6.59 28.16
N ALA B 47 -14.71 -6.78 29.28
CA ALA B 47 -14.10 -6.71 30.63
C ALA B 47 -12.95 -7.72 30.79
N ALA B 48 -13.03 -8.89 30.16
CA ALA B 48 -12.02 -9.97 30.33
C ALA B 48 -10.64 -9.52 29.84
N TYR B 49 -10.54 -8.54 28.93
CA TYR B 49 -9.22 -8.02 28.46
C TYR B 49 -9.07 -6.51 28.72
N ALA B 50 -10.14 -5.78 29.07
CA ALA B 50 -10.07 -4.32 29.31
C ALA B 50 -9.66 -4.01 30.76
N TRP B 51 -9.90 -4.92 31.71
CA TRP B 51 -9.79 -4.55 33.15
C TRP B 51 -8.41 -4.02 33.52
N PRO B 52 -7.27 -4.48 32.94
CA PRO B 52 -5.96 -3.94 33.31
C PRO B 52 -5.77 -2.45 32.97
N PHE B 53 -6.68 -1.89 32.16
CA PHE B 53 -6.64 -0.51 31.62
C PHE B 53 -7.68 0.38 32.32
N TYR B 54 -8.43 -0.15 33.29
CA TYR B 54 -9.52 0.61 33.95
C TYR B 54 -8.93 1.68 34.87
N LYS B 55 -7.80 1.39 35.53
CA LYS B 55 -7.16 2.28 36.52
C LYS B 55 -5.65 2.25 36.27
N PRO B 56 -4.88 3.14 36.93
CA PRO B 56 -3.43 3.16 36.76
C PRO B 56 -2.83 1.78 37.09
N VAL B 57 -1.76 1.46 36.41
CA VAL B 57 -0.89 0.31 36.80
C VAL B 57 -0.42 0.57 38.23
N ASP B 58 -0.70 -0.35 39.14
CA ASP B 58 -0.34 -0.23 40.58
C ASP B 58 1.09 -0.75 40.71
N ALA B 59 2.07 0.09 40.42
CA ALA B 59 3.50 -0.28 40.36
C ALA B 59 3.96 -0.79 41.74
N SER B 60 3.52 -0.15 42.81
CA SER B 60 3.85 -0.55 44.21
C SER B 60 3.37 -1.99 44.45
N ALA B 61 2.09 -2.25 44.21
CA ALA B 61 1.48 -3.58 44.48
C ALA B 61 2.19 -4.66 43.66
N LEU B 62 2.52 -4.38 42.39
CA LEU B 62 3.08 -5.39 41.46
C LEU B 62 4.58 -5.54 41.69
N GLY B 63 5.21 -4.66 42.47
CA GLY B 63 6.67 -4.66 42.70
C GLY B 63 7.44 -4.14 41.50
N LEU B 64 6.84 -3.27 40.69
CA LEU B 64 7.43 -2.71 39.44
C LEU B 64 8.21 -1.44 39.78
N HIS B 65 9.40 -1.56 40.39
CA HIS B 65 10.17 -0.39 40.89
C HIS B 65 10.71 0.43 39.71
N ASP B 66 10.73 -0.09 38.47
CA ASP B 66 11.23 0.68 37.29
C ASP B 66 10.09 1.18 36.39
N TYR B 67 8.83 0.90 36.73
CA TYR B 67 7.70 1.22 35.81
C TYR B 67 7.72 2.71 35.45
N HIS B 68 7.82 3.59 36.46
CA HIS B 68 7.74 5.06 36.27
C HIS B 68 9.05 5.63 35.72
N ASP B 69 10.14 4.86 35.69
CA ASP B 69 11.41 5.22 35.00
C ASP B 69 11.22 5.02 33.50
N ILE B 70 10.53 3.95 33.12
CA ILE B 70 10.37 3.55 31.69
C ILE B 70 9.15 4.26 31.09
N ILE B 71 8.05 4.33 31.83
CA ILE B 71 6.78 4.98 31.39
C ILE B 71 6.70 6.36 32.03
N LYS B 72 7.01 7.40 31.24
CA LYS B 72 7.05 8.81 31.69
C LYS B 72 5.64 9.39 31.70
N HIS B 73 4.69 8.87 30.91
CA HIS B 73 3.33 9.44 30.75
C HIS B 73 2.28 8.35 30.89
N PRO B 74 1.97 7.92 32.14
CA PRO B 74 0.94 6.91 32.36
C PRO B 74 -0.41 7.38 31.83
N MET B 75 -1.21 6.43 31.36
CA MET B 75 -2.53 6.73 30.75
C MET B 75 -3.38 5.49 30.97
N ASP B 76 -4.64 5.67 31.32
CA ASP B 76 -5.61 4.57 31.45
C ASP B 76 -6.98 5.10 31.03
N LEU B 77 -7.97 4.21 30.92
CA LEU B 77 -9.31 4.57 30.41
C LEU B 77 -10.01 5.56 31.36
N SER B 78 -9.75 5.48 32.67
CA SER B 78 -10.37 6.42 33.63
C SER B 78 -9.87 7.84 33.37
N THR B 79 -8.60 8.00 33.01
CA THR B 79 -7.99 9.32 32.65
C THR B 79 -8.71 9.87 31.42
N VAL B 80 -8.86 9.03 30.40
CA VAL B 80 -9.52 9.44 29.13
C VAL B 80 -10.96 9.86 29.43
N LYS B 81 -11.68 9.08 30.26
CA LYS B 81 -13.09 9.36 30.62
C LYS B 81 -13.19 10.70 31.32
N ARG B 82 -12.30 10.98 32.27
CA ARG B 82 -12.34 12.28 32.99
C ARG B 82 -12.08 13.43 32.03
N LYS B 83 -11.11 13.27 31.12
CA LYS B 83 -10.79 14.33 30.14
C LYS B 83 -12.01 14.58 29.24
N MET B 84 -12.70 13.52 28.81
CA MET B 84 -13.91 13.64 27.95
C MET B 84 -15.01 14.39 28.73
N GLU B 85 -15.27 13.99 29.98
CA GLU B 85 -16.31 14.61 30.85
C GLU B 85 -15.97 16.08 31.08
N ASN B 86 -14.69 16.43 31.18
CA ASN B 86 -14.22 17.80 31.45
C ASN B 86 -14.17 18.62 30.15
N ARG B 87 -14.45 18.01 29.00
CA ARG B 87 -14.37 18.66 27.66
C ARG B 87 -12.94 19.14 27.41
N ASP B 88 -11.93 18.34 27.80
CA ASP B 88 -10.50 18.68 27.64
C ASP B 88 -10.01 18.31 26.24
N TYR B 89 -10.74 17.51 25.46
CA TYR B 89 -10.26 17.09 24.11
C TYR B 89 -10.64 18.16 23.07
N ARG B 90 -9.64 18.64 22.33
CA ARG B 90 -9.83 19.63 21.23
C ARG B 90 -10.49 18.93 20.04
N ASP B 91 -10.16 17.65 19.79
CA ASP B 91 -10.69 16.92 18.60
C ASP B 91 -10.47 15.40 18.77
N ALA B 92 -10.96 14.62 17.81
CA ALA B 92 -10.90 13.14 17.84
C ALA B 92 -9.44 12.68 17.83
N GLN B 93 -8.55 13.41 17.15
CA GLN B 93 -7.11 13.04 17.04
C GLN B 93 -6.46 13.07 18.43
N GLU B 94 -6.80 14.03 19.27
CA GLU B 94 -6.23 14.11 20.65
CA GLU B 94 -6.23 14.12 20.65
C GLU B 94 -6.71 12.91 21.48
N PHE B 95 -7.99 12.54 21.33
CA PHE B 95 -8.59 11.36 21.97
C PHE B 95 -7.83 10.11 21.54
N ALA B 96 -7.66 9.91 20.23
CA ALA B 96 -6.96 8.72 19.68
C ALA B 96 -5.52 8.69 20.19
N ALA B 97 -4.85 9.84 20.30
CA ALA B 97 -3.45 9.91 20.77
C ALA B 97 -3.37 9.38 22.22
N ASP B 98 -4.32 9.72 23.08
CA ASP B 98 -4.30 9.25 24.50
C ASP B 98 -4.56 7.74 24.54
N VAL B 99 -5.51 7.23 23.75
CA VAL B 99 -5.82 5.78 23.77
C VAL B 99 -4.58 5.03 23.27
N ARG B 100 -3.95 5.52 22.19
CA ARG B 100 -2.74 4.86 21.64
C ARG B 100 -1.57 4.96 22.62
N LEU B 101 -1.46 6.05 23.39
CA LEU B 101 -0.41 6.20 24.43
C LEU B 101 -0.59 5.08 25.47
N MET B 102 -1.82 4.83 25.88
CA MET B 102 -2.14 3.77 26.88
C MET B 102 -1.63 2.43 26.33
N PHE B 103 -1.94 2.09 25.09
CA PHE B 103 -1.48 0.81 24.50
C PHE B 103 0.04 0.81 24.34
N SER B 104 0.62 1.91 23.85
N SER B 104 0.62 1.91 23.85
CA SER B 104 2.08 2.01 23.61
CA SER B 104 2.07 2.03 23.61
C SER B 104 2.84 1.84 24.93
C SER B 104 2.84 1.83 24.93
N ASN B 105 2.35 2.40 26.03
CA ASN B 105 2.98 2.22 27.36
C ASN B 105 3.06 0.71 27.68
N CYS B 106 1.97 0.00 27.44
CA CYS B 106 1.87 -1.46 27.71
C CYS B 106 2.90 -2.21 26.84
N TYR B 107 2.96 -1.90 25.55
CA TYR B 107 3.93 -2.56 24.64
C TYR B 107 5.35 -2.17 25.03
N LYS B 108 5.58 -0.91 25.41
CA LYS B 108 6.95 -0.42 25.72
C LYS B 108 7.49 -1.19 26.94
N TYR B 109 6.69 -1.33 27.98
CA TYR B 109 7.18 -1.88 29.28
C TYR B 109 7.37 -3.40 29.22
N ASN B 110 6.53 -4.11 28.48
CA ASN B 110 6.32 -5.57 28.61
C ASN B 110 7.01 -6.37 27.50
N PRO B 111 7.41 -7.62 27.81
CA PRO B 111 7.83 -8.57 26.79
C PRO B 111 6.62 -9.00 25.96
N PRO B 112 6.84 -9.44 24.69
CA PRO B 112 5.72 -9.69 23.77
C PRO B 112 4.81 -10.85 24.17
N ASP B 113 5.27 -11.76 25.04
CA ASP B 113 4.52 -12.96 25.48
C ASP B 113 3.79 -12.72 26.81
N HIS B 114 3.84 -11.52 27.39
CA HIS B 114 3.11 -11.24 28.66
C HIS B 114 1.61 -11.23 28.36
N ASP B 115 0.81 -11.83 29.24
CA ASP B 115 -0.67 -11.88 29.14
C ASP B 115 -1.22 -10.46 28.94
N VAL B 116 -0.63 -9.42 29.55
CA VAL B 116 -1.24 -8.07 29.47
C VAL B 116 -1.10 -7.54 28.04
N VAL B 117 -0.04 -7.93 27.34
CA VAL B 117 0.18 -7.51 25.92
C VAL B 117 -0.90 -8.13 25.03
N ALA B 118 -1.24 -9.41 25.24
CA ALA B 118 -2.32 -10.10 24.51
C ALA B 118 -3.65 -9.37 24.76
N MET B 119 -3.88 -8.92 25.99
CA MET B 119 -5.13 -8.21 26.35
C MET B 119 -5.15 -6.82 25.68
N ALA B 120 -4.04 -6.10 25.71
CA ALA B 120 -3.90 -4.79 25.06
C ALA B 120 -4.25 -4.93 23.56
N ARG B 121 -3.73 -5.96 22.90
CA ARG B 121 -3.95 -6.16 21.43
C ARG B 121 -5.42 -6.38 21.16
N LYS B 122 -6.10 -7.19 21.98
CA LYS B 122 -7.54 -7.48 21.80
C LYS B 122 -8.34 -6.18 21.98
N LEU B 123 -8.04 -5.39 23.00
CA LEU B 123 -8.78 -4.12 23.21
C LEU B 123 -8.42 -3.12 22.10
N GLN B 124 -7.16 -3.07 21.70
CA GLN B 124 -6.75 -2.10 20.64
C GLN B 124 -7.47 -2.44 19.33
N ASP B 125 -7.71 -3.72 19.05
CA ASP B 125 -8.45 -4.12 17.82
C ASP B 125 -9.87 -3.53 17.87
N VAL B 126 -10.51 -3.50 19.04
CA VAL B 126 -11.87 -2.93 19.20
C VAL B 126 -11.76 -1.43 18.92
N PHE B 127 -10.82 -0.76 19.59
CA PHE B 127 -10.62 0.70 19.46
C PHE B 127 -10.36 1.08 17.98
N GLU B 128 -9.36 0.44 17.34
CA GLU B 128 -8.90 0.88 15.99
C GLU B 128 -10.04 0.68 14.99
N PHE B 129 -10.81 -0.39 15.12
CA PHE B 129 -11.90 -0.70 14.17
C PHE B 129 -13.00 0.35 14.31
N ARG B 130 -13.41 0.66 15.54
CA ARG B 130 -14.50 1.64 15.78
C ARG B 130 -14.04 3.04 15.39
N TYR B 131 -12.79 3.40 15.72
CA TYR B 131 -12.24 4.75 15.44
C TYR B 131 -12.22 4.96 13.92
N ALA B 132 -11.85 3.93 13.17
CA ALA B 132 -11.74 4.02 11.69
C ALA B 132 -13.12 4.25 11.06
N LYS B 133 -14.20 3.80 11.70
CA LYS B 133 -15.59 3.88 11.17
C LYS B 133 -16.25 5.20 11.55
N MET B 134 -15.51 6.14 12.14
CA MET B 134 -16.07 7.44 12.61
C MET B 134 -16.63 8.24 11.43
N PRO B 135 -17.93 8.63 11.44
CA PRO B 135 -18.43 9.68 10.57
C PRO B 135 -17.78 11.04 10.87
N LEU C 27 -10.83 20.61 -13.54
CA LEU C 27 -11.76 19.86 -14.41
C LEU C 27 -11.39 18.36 -14.40
N SER C 28 -12.38 17.50 -14.20
CA SER C 28 -12.34 16.04 -14.44
C SER C 28 -11.85 15.76 -15.87
N GLU C 29 -12.36 16.52 -16.85
CA GLU C 29 -12.01 16.40 -18.29
C GLU C 29 -10.49 16.53 -18.48
N GLN C 30 -9.87 17.54 -17.88
CA GLN C 30 -8.42 17.82 -17.96
C GLN C 30 -7.66 16.62 -17.39
N LEU C 31 -8.06 16.13 -16.21
CA LEU C 31 -7.33 15.05 -15.50
C LEU C 31 -7.55 13.72 -16.25
N LYS C 32 -8.69 13.55 -16.93
CA LYS C 32 -8.93 12.38 -17.80
C LYS C 32 -7.91 12.41 -18.96
N HIS C 33 -7.68 13.57 -19.57
CA HIS C 33 -6.66 13.70 -20.65
C HIS C 33 -5.27 13.42 -20.07
N CYS C 34 -4.98 13.89 -18.86
CA CYS C 34 -3.68 13.64 -18.16
C CYS C 34 -3.51 12.13 -17.95
N ASN C 35 -4.57 11.45 -17.58
CA ASN C 35 -4.55 9.97 -17.42
C ASN C 35 -4.22 9.30 -18.76
N GLY C 36 -4.79 9.80 -19.86
CA GLY C 36 -4.47 9.33 -21.23
C GLY C 36 -2.99 9.54 -21.56
N ILE C 37 -2.43 10.69 -21.18
CA ILE C 37 -0.98 10.99 -21.42
C ILE C 37 -0.13 9.99 -20.63
N LEU C 38 -0.45 9.78 -19.36
CA LEU C 38 0.29 8.85 -18.49
C LEU C 38 0.26 7.44 -19.10
N LYS C 39 -0.91 6.97 -19.53
CA LYS C 39 -1.04 5.64 -20.18
C LYS C 39 -0.14 5.58 -21.41
N GLU C 40 -0.06 6.66 -22.21
CA GLU C 40 0.85 6.67 -23.38
CA GLU C 40 0.85 6.67 -23.37
C GLU C 40 2.31 6.57 -22.92
N LEU C 41 2.71 7.34 -21.89
CA LEU C 41 4.12 7.33 -21.41
C LEU C 41 4.49 5.93 -20.91
N LEU C 42 3.52 5.19 -20.40
CA LEU C 42 3.73 3.83 -19.81
C LEU C 42 3.59 2.74 -20.88
N SER C 43 3.22 3.08 -22.11
CA SER C 43 2.86 2.10 -23.16
C SER C 43 4.11 1.45 -23.74
N LYS C 44 3.96 0.26 -24.30
CA LYS C 44 5.11 -0.54 -24.81
C LYS C 44 5.82 0.21 -25.94
N LYS C 45 5.14 1.05 -26.72
CA LYS C 45 5.80 1.69 -27.88
C LYS C 45 6.93 2.61 -27.42
N HIS C 46 6.88 3.13 -26.18
CA HIS C 46 7.92 4.06 -25.67
C HIS C 46 8.89 3.36 -24.71
N ALA C 47 8.77 2.04 -24.52
CA ALA C 47 9.47 1.33 -23.42
C ALA C 47 10.99 1.47 -23.58
N ALA C 48 11.52 1.57 -24.79
CA ALA C 48 12.98 1.61 -25.06
C ALA C 48 13.61 2.84 -24.39
N TYR C 49 12.86 3.91 -24.15
CA TYR C 49 13.40 5.13 -23.49
C TYR C 49 12.62 5.47 -22.22
N ALA C 50 11.43 4.90 -21.96
CA ALA C 50 10.62 5.20 -20.76
C ALA C 50 11.05 4.35 -19.56
N TRP C 51 11.64 3.16 -19.77
CA TRP C 51 11.80 2.18 -18.66
C TRP C 51 12.59 2.78 -17.48
N PRO C 52 13.62 3.64 -17.65
CA PRO C 52 14.32 4.18 -16.49
C PRO C 52 13.47 5.06 -15.56
N PHE C 53 12.26 5.43 -16.01
CA PHE C 53 11.33 6.35 -15.32
C PHE C 53 10.14 5.59 -14.76
N TYR C 54 10.07 4.27 -14.95
CA TYR C 54 8.89 3.47 -14.54
C TYR C 54 8.81 3.39 -13.02
N LYS C 55 9.95 3.29 -12.35
CA LYS C 55 10.02 3.15 -10.88
C LYS C 55 11.08 4.11 -10.38
N PRO C 56 11.08 4.43 -9.07
CA PRO C 56 12.12 5.28 -8.50
C PRO C 56 13.52 4.72 -8.82
N VAL C 57 14.46 5.64 -8.97
CA VAL C 57 15.88 5.28 -9.20
C VAL C 57 16.36 4.42 -8.03
N ASP C 58 16.88 3.23 -8.31
CA ASP C 58 17.45 2.34 -7.26
C ASP C 58 18.90 2.76 -7.02
N ALA C 59 19.10 3.79 -6.21
CA ALA C 59 20.43 4.41 -5.97
C ALA C 59 21.39 3.36 -5.36
N SER C 60 20.90 2.54 -4.45
CA SER C 60 21.68 1.46 -3.78
C SER C 60 22.22 0.49 -4.84
N ALA C 61 21.35 -0.05 -5.70
CA ALA C 61 21.74 -1.01 -6.75
C ALA C 61 22.80 -0.40 -7.67
N LEU C 62 22.66 0.87 -8.05
CA LEU C 62 23.57 1.53 -9.04
C LEU C 62 24.86 2.00 -8.35
N GLY C 63 24.92 1.99 -7.02
CA GLY C 63 26.06 2.52 -6.24
C GLY C 63 26.09 4.04 -6.18
N LEU C 64 24.95 4.70 -6.31
CA LEU C 64 24.80 6.19 -6.32
C LEU C 64 24.63 6.72 -4.89
N HIS C 65 25.74 6.82 -4.15
CA HIS C 65 25.77 7.18 -2.70
C HIS C 65 25.23 8.61 -2.47
N ASP C 66 25.28 9.48 -3.47
CA ASP C 66 24.92 10.91 -3.33
C ASP C 66 23.55 11.24 -3.95
N TYR C 67 22.82 10.26 -4.50
CA TYR C 67 21.59 10.55 -5.28
C TYR C 67 20.59 11.37 -4.43
N HIS C 68 20.31 10.92 -3.20
CA HIS C 68 19.27 11.55 -2.34
C HIS C 68 19.80 12.83 -1.69
N ASP C 69 21.12 13.08 -1.73
CA ASP C 69 21.73 14.36 -1.31
C ASP C 69 21.45 15.41 -2.40
N ILE C 70 21.55 15.03 -3.67
CA ILE C 70 21.45 15.98 -4.81
C ILE C 70 19.99 16.14 -5.23
N ILE C 71 19.24 15.04 -5.28
CA ILE C 71 17.80 15.03 -5.65
C ILE C 71 16.95 14.98 -4.38
N LYS C 72 16.42 16.12 -3.95
CA LYS C 72 15.69 16.26 -2.67
C LYS C 72 14.26 15.72 -2.82
N HIS C 73 13.68 15.76 -4.03
CA HIS C 73 12.28 15.36 -4.28
C HIS C 73 12.24 14.45 -5.51
N PRO C 74 12.58 13.15 -5.33
CA PRO C 74 12.49 12.19 -6.42
C PRO C 74 11.08 12.09 -6.97
N MET C 75 11.00 11.79 -8.27
CA MET C 75 9.71 11.54 -8.93
C MET C 75 9.92 10.51 -10.05
N ASP C 76 8.90 9.71 -10.29
CA ASP C 76 8.91 8.66 -11.34
C ASP C 76 7.46 8.41 -11.75
N LEU C 77 7.26 7.69 -12.84
CA LEU C 77 5.91 7.49 -13.43
C LEU C 77 5.04 6.65 -12.49
N SER C 78 5.60 5.70 -11.73
CA SER C 78 4.78 4.90 -10.77
C SER C 78 4.20 5.83 -9.69
N THR C 79 4.99 6.79 -9.22
CA THR C 79 4.54 7.79 -8.21
C THR C 79 3.44 8.66 -8.81
N VAL C 80 3.62 9.13 -10.05
CA VAL C 80 2.59 9.97 -10.74
C VAL C 80 1.30 9.15 -10.87
N LYS C 81 1.39 7.88 -11.27
CA LYS C 81 0.21 6.99 -11.45
C LYS C 81 -0.54 6.84 -10.11
N ARG C 82 0.21 6.63 -9.02
CA ARG C 82 -0.43 6.46 -7.68
C ARG C 82 -1.13 7.76 -7.29
N LYS C 83 -0.51 8.91 -7.52
CA LYS C 83 -1.10 10.22 -7.18
C LYS C 83 -2.36 10.45 -8.01
N MET C 84 -2.36 10.07 -9.29
CA MET C 84 -3.54 10.19 -10.18
C MET C 84 -4.67 9.31 -9.63
N GLU C 85 -4.39 8.06 -9.30
CA GLU C 85 -5.39 7.08 -8.76
C GLU C 85 -5.93 7.59 -7.41
N ASN C 86 -5.10 8.27 -6.63
CA ASN C 86 -5.48 8.80 -5.29
C ASN C 86 -6.24 10.13 -5.43
N ARG C 87 -6.34 10.68 -6.66
CA ARG C 87 -6.97 12.00 -6.94
C ARG C 87 -6.21 13.09 -6.19
N ASP C 88 -4.87 13.00 -6.14
CA ASP C 88 -4.02 13.99 -5.43
C ASP C 88 -3.78 15.22 -6.31
N TYR C 89 -4.03 15.15 -7.63
CA TYR C 89 -3.78 16.29 -8.54
C TYR C 89 -5.04 17.14 -8.60
N ARG C 90 -4.92 18.44 -8.34
CA ARG C 90 -6.04 19.35 -8.40
C ARG C 90 -6.37 19.69 -9.82
N ASP C 91 -5.36 19.74 -10.67
CA ASP C 91 -5.55 20.14 -12.09
C ASP C 91 -4.38 19.62 -12.94
N ALA C 92 -4.47 19.82 -14.26
CA ALA C 92 -3.47 19.36 -15.24
C ALA C 92 -2.10 19.97 -14.93
N GLN C 93 -2.06 21.22 -14.45
CA GLN C 93 -0.78 21.93 -14.15
C GLN C 93 0.00 21.20 -13.06
N GLU C 94 -0.68 20.69 -12.05
CA GLU C 94 -0.01 19.95 -10.94
C GLU C 94 0.59 18.64 -11.49
N PHE C 95 -0.17 17.94 -12.33
CA PHE C 95 0.30 16.72 -13.03
C PHE C 95 1.56 17.05 -13.85
N ALA C 96 1.50 18.08 -14.69
CA ALA C 96 2.64 18.49 -15.54
C ALA C 96 3.84 18.85 -14.67
N ALA C 97 3.65 19.51 -13.52
CA ALA C 97 4.76 19.89 -12.62
C ALA C 97 5.50 18.63 -12.14
N ASP C 98 4.78 17.56 -11.78
CA ASP C 98 5.43 16.30 -11.33
CA ASP C 98 5.43 16.30 -11.33
C ASP C 98 6.17 15.63 -12.49
N VAL C 99 5.57 15.59 -13.68
CA VAL C 99 6.26 14.95 -14.84
C VAL C 99 7.54 15.75 -15.15
N ARG C 100 7.46 17.08 -15.12
CA ARG C 100 8.66 17.92 -15.39
C ARG C 100 9.69 17.80 -14.27
N LEU C 101 9.25 17.60 -13.03
CA LEU C 101 10.17 17.37 -11.89
C LEU C 101 10.97 16.09 -12.15
N MET C 102 10.30 15.04 -12.62
CA MET C 102 10.96 13.75 -12.95
C MET C 102 12.07 14.01 -13.97
N PHE C 103 11.77 14.74 -15.07
CA PHE C 103 12.80 15.01 -16.09
C PHE C 103 13.89 15.92 -15.53
N SER C 104 13.51 16.98 -14.81
CA SER C 104 14.48 17.94 -14.24
C SER C 104 15.46 17.25 -13.28
N ASN C 105 14.98 16.30 -12.46
CA ASN C 105 15.85 15.53 -11.54
C ASN C 105 16.90 14.79 -12.38
N CYS C 106 16.49 14.17 -13.47
CA CYS C 106 17.37 13.41 -14.37
C CYS C 106 18.43 14.35 -14.96
N TYR C 107 18.02 15.52 -15.46
CA TYR C 107 19.00 16.50 -16.02
C TYR C 107 19.91 17.02 -14.90
N LYS C 108 19.36 17.26 -13.71
CA LYS C 108 20.14 17.87 -12.59
C LYS C 108 21.27 16.90 -12.19
N TYR C 109 20.95 15.61 -12.02
CA TYR C 109 21.91 14.64 -11.44
C TYR C 109 23.01 14.27 -12.45
N ASN C 110 22.69 14.20 -13.74
CA ASN C 110 23.50 13.49 -14.77
C ASN C 110 24.30 14.44 -15.65
N PRO C 111 25.45 13.96 -16.18
CA PRO C 111 26.16 14.67 -17.24
C PRO C 111 25.38 14.58 -18.55
N PRO C 112 25.56 15.57 -19.47
CA PRO C 112 24.73 15.65 -20.67
C PRO C 112 24.87 14.47 -21.65
N ASP C 113 25.96 13.72 -21.56
CA ASP C 113 26.27 12.59 -22.48
C ASP C 113 25.82 11.26 -21.89
N HIS C 114 25.22 11.21 -20.70
CA HIS C 114 24.73 9.92 -20.12
C HIS C 114 23.53 9.44 -20.94
N ASP C 115 23.47 8.14 -21.22
CA ASP C 115 22.36 7.51 -21.97
C ASP C 115 21.02 7.86 -21.33
N VAL C 116 20.93 8.01 -20.00
CA VAL C 116 19.61 8.24 -19.36
C VAL C 116 19.10 9.64 -19.74
N VAL C 117 20.00 10.59 -19.97
CA VAL C 117 19.61 11.97 -20.37
C VAL C 117 19.01 11.94 -21.78
N ALA C 118 19.60 11.18 -22.70
CA ALA C 118 19.08 10.99 -24.07
C ALA C 118 17.68 10.37 -23.99
N MET C 119 17.48 9.41 -23.08
CA MET C 119 16.17 8.74 -22.94
C MET C 119 15.15 9.72 -22.35
N ALA C 120 15.52 10.51 -21.35
CA ALA C 120 14.66 11.53 -20.72
C ALA C 120 14.17 12.48 -21.83
N ARG C 121 15.07 12.94 -22.69
CA ARG C 121 14.72 13.93 -23.76
C ARG C 121 13.69 13.33 -24.71
N LYS C 122 13.87 12.07 -25.10
CA LYS C 122 12.94 11.37 -26.03
C LYS C 122 11.57 11.23 -25.36
N LEU C 123 11.52 10.83 -24.09
CA LEU C 123 10.22 10.68 -23.41
C LEU C 123 9.61 12.08 -23.17
N GLN C 124 10.43 13.07 -22.84
CA GLN C 124 9.89 14.43 -22.58
C GLN C 124 9.28 14.96 -23.87
N ASP C 125 9.84 14.66 -25.04
CA ASP C 125 9.26 15.11 -26.34
C ASP C 125 7.85 14.53 -26.49
N VAL C 126 7.63 13.27 -26.11
CA VAL C 126 6.30 12.64 -26.17
C VAL C 126 5.36 13.38 -25.21
N PHE C 127 5.79 13.57 -23.97
CA PHE C 127 4.98 14.23 -22.92
C PHE C 127 4.61 15.66 -23.36
N GLU C 128 5.60 16.47 -23.75
CA GLU C 128 5.35 17.92 -24.04
C GLU C 128 4.40 18.03 -25.22
N PHE C 129 4.55 17.19 -26.23
CA PHE C 129 3.71 17.23 -27.44
C PHE C 129 2.26 16.87 -27.08
N ARG C 130 2.05 15.80 -26.34
CA ARG C 130 0.68 15.35 -25.96
CA ARG C 130 0.68 15.36 -25.97
C ARG C 130 0.04 16.37 -25.01
N TYR C 131 0.81 16.88 -24.05
CA TYR C 131 0.31 17.84 -23.04
C TYR C 131 -0.15 19.12 -23.76
N ALA C 132 0.60 19.57 -24.76
CA ALA C 132 0.30 20.82 -25.51
C ALA C 132 -1.01 20.67 -26.29
N LYS C 133 -1.37 19.45 -26.70
CA LYS C 133 -2.55 19.15 -27.55
C LYS C 133 -3.81 18.95 -26.69
N MET C 134 -3.72 19.13 -25.37
CA MET C 134 -4.84 18.87 -24.44
C MET C 134 -6.02 19.80 -24.76
N PRO C 135 -7.23 19.26 -25.03
CA PRO C 135 -8.45 20.06 -25.05
C PRO C 135 -8.89 20.48 -23.63
N LEU D 27 -6.46 -4.56 -35.61
CA LEU D 27 -6.59 -5.95 -35.13
C LEU D 27 -7.42 -6.77 -36.13
N SER D 28 -6.94 -7.96 -36.49
CA SER D 28 -7.70 -9.03 -37.20
C SER D 28 -8.97 -9.37 -36.41
N GLU D 29 -9.94 -10.02 -37.08
CA GLU D 29 -11.20 -10.53 -36.46
C GLU D 29 -10.87 -11.44 -35.27
N GLN D 30 -9.93 -12.39 -35.45
CA GLN D 30 -9.56 -13.36 -34.38
C GLN D 30 -8.92 -12.59 -33.21
N LEU D 31 -8.04 -11.62 -33.47
CA LEU D 31 -7.37 -10.86 -32.38
C LEU D 31 -8.35 -9.92 -31.71
N LYS D 32 -9.37 -9.44 -32.43
CA LYS D 32 -10.49 -8.68 -31.81
C LYS D 32 -11.22 -9.58 -30.80
N HIS D 33 -11.49 -10.84 -31.14
CA HIS D 33 -12.14 -11.80 -30.22
CA HIS D 33 -12.13 -11.82 -30.22
C HIS D 33 -11.20 -12.03 -29.01
N CYS D 34 -9.89 -12.15 -29.25
CA CYS D 34 -8.88 -12.33 -28.17
C CYS D 34 -8.92 -11.13 -27.23
N ASN D 35 -9.04 -9.92 -27.78
CA ASN D 35 -9.15 -8.67 -26.98
C ASN D 35 -10.43 -8.73 -26.13
N GLY D 36 -11.53 -9.24 -26.68
CA GLY D 36 -12.78 -9.44 -25.92
C GLY D 36 -12.59 -10.43 -24.77
N ILE D 37 -11.81 -11.49 -24.99
CA ILE D 37 -11.51 -12.49 -23.91
C ILE D 37 -10.70 -11.80 -22.81
N LEU D 38 -9.66 -11.06 -23.18
CA LEU D 38 -8.81 -10.33 -22.20
C LEU D 38 -9.69 -9.40 -21.36
N LYS D 39 -10.57 -8.63 -22.00
CA LYS D 39 -11.48 -7.69 -21.28
C LYS D 39 -12.36 -8.49 -20.31
N GLU D 40 -12.84 -9.66 -20.72
CA GLU D 40 -13.65 -10.52 -19.81
C GLU D 40 -12.78 -10.97 -18.63
N LEU D 41 -11.56 -11.42 -18.86
CA LEU D 41 -10.69 -11.95 -17.76
C LEU D 41 -10.42 -10.83 -16.76
N LEU D 42 -10.39 -9.58 -17.21
CA LEU D 42 -10.06 -8.41 -16.36
C LEU D 42 -11.34 -7.81 -15.73
N SER D 43 -12.53 -8.33 -16.06
CA SER D 43 -13.83 -7.73 -15.66
C SER D 43 -14.12 -8.05 -14.19
N LYS D 44 -14.95 -7.22 -13.56
CA LYS D 44 -15.28 -7.33 -12.12
C LYS D 44 -15.85 -8.72 -11.79
N LYS D 45 -16.60 -9.36 -12.69
CA LYS D 45 -17.30 -10.62 -12.31
C LYS D 45 -16.27 -11.71 -11.99
N HIS D 46 -15.04 -11.63 -12.52
CA HIS D 46 -14.00 -12.66 -12.29
C HIS D 46 -12.94 -12.18 -11.29
N ALA D 47 -13.09 -10.99 -10.70
CA ALA D 47 -12.01 -10.33 -9.92
C ALA D 47 -11.61 -11.19 -8.71
N ALA D 48 -12.55 -11.94 -8.12
CA ALA D 48 -12.30 -12.76 -6.90
C ALA D 48 -11.21 -13.81 -7.16
N TYR D 49 -11.02 -14.25 -8.40
CA TYR D 49 -9.98 -15.27 -8.73
C TYR D 49 -8.98 -14.75 -9.76
N ALA D 50 -9.23 -13.63 -10.45
CA ALA D 50 -8.31 -13.06 -11.46
C ALA D 50 -7.22 -12.19 -10.81
N TRP D 51 -7.45 -11.62 -9.63
CA TRP D 51 -6.56 -10.55 -9.10
C TRP D 51 -5.10 -11.01 -8.97
N PRO D 52 -4.79 -12.28 -8.61
CA PRO D 52 -3.38 -12.70 -8.51
C PRO D 52 -2.60 -12.64 -9.83
N PHE D 53 -3.31 -12.49 -10.95
CA PHE D 53 -2.77 -12.55 -12.33
C PHE D 53 -2.76 -11.16 -12.97
N TYR D 54 -3.21 -10.13 -12.26
CA TYR D 54 -3.37 -8.77 -12.85
C TYR D 54 -2.00 -8.16 -13.17
N LYS D 55 -1.01 -8.36 -12.30
CA LYS D 55 0.35 -7.80 -12.44
C LYS D 55 1.34 -8.92 -12.20
N PRO D 56 2.62 -8.71 -12.58
CA PRO D 56 3.65 -9.71 -12.36
C PRO D 56 3.69 -10.13 -10.88
N VAL D 57 3.97 -11.40 -10.65
CA VAL D 57 4.12 -11.94 -9.28
C VAL D 57 5.25 -11.14 -8.63
N ASP D 58 5.00 -10.50 -7.48
CA ASP D 58 6.10 -9.78 -6.80
C ASP D 58 6.85 -10.78 -5.91
N ALA D 59 7.72 -11.59 -6.52
CA ALA D 59 8.44 -12.69 -5.85
C ALA D 59 9.35 -12.10 -4.78
N SER D 60 10.02 -10.98 -5.07
CA SER D 60 10.92 -10.28 -4.11
C SER D 60 10.12 -9.90 -2.85
N ALA D 61 9.00 -9.21 -3.01
CA ALA D 61 8.16 -8.74 -1.88
C ALA D 61 7.69 -9.94 -1.05
N LEU D 62 7.28 -11.05 -1.68
CA LEU D 62 6.72 -12.23 -0.99
C LEU D 62 7.83 -13.11 -0.39
N GLY D 63 9.10 -12.83 -0.71
CA GLY D 63 10.25 -13.63 -0.25
C GLY D 63 10.34 -14.96 -0.97
N LEU D 64 9.86 -15.03 -2.21
CA LEU D 64 9.94 -16.26 -3.06
C LEU D 64 11.30 -16.22 -3.79
N HIS D 65 12.40 -16.51 -3.08
CA HIS D 65 13.79 -16.22 -3.55
C HIS D 65 14.13 -17.06 -4.78
N ASP D 66 13.46 -18.21 -4.96
CA ASP D 66 13.73 -19.17 -6.06
C ASP D 66 12.76 -19.01 -7.24
N TYR D 67 11.82 -18.07 -7.18
CA TYR D 67 10.74 -17.96 -8.19
C TYR D 67 11.34 -17.85 -9.59
N HIS D 68 12.32 -16.97 -9.80
CA HIS D 68 12.91 -16.69 -11.13
C HIS D 68 13.91 -17.80 -11.54
N ASP D 69 14.30 -18.67 -10.62
CA ASP D 69 15.10 -19.89 -10.94
C ASP D 69 14.18 -20.94 -11.54
N ILE D 70 12.94 -21.04 -11.04
CA ILE D 70 11.95 -22.07 -11.47
C ILE D 70 11.17 -21.55 -12.69
N ILE D 71 10.77 -20.29 -12.68
CA ILE D 71 9.95 -19.64 -13.74
C ILE D 71 10.89 -18.79 -14.60
N LYS D 72 11.24 -19.29 -15.79
CA LYS D 72 12.18 -18.57 -16.69
CA LYS D 72 12.13 -18.67 -16.82
C LYS D 72 11.48 -17.45 -17.46
N HIS D 73 10.17 -17.54 -17.67
CA HIS D 73 9.39 -16.61 -18.53
C HIS D 73 8.13 -16.18 -17.79
N PRO D 74 8.24 -15.19 -16.87
CA PRO D 74 7.07 -14.66 -16.18
C PRO D 74 6.04 -14.10 -17.16
N MET D 75 4.76 -14.22 -16.80
CA MET D 75 3.67 -13.69 -17.61
C MET D 75 2.51 -13.35 -16.69
N ASP D 76 1.78 -12.30 -17.05
CA ASP D 76 0.63 -11.80 -16.30
C ASP D 76 -0.28 -11.03 -17.26
N LEU D 77 -1.50 -10.73 -16.82
CA LEU D 77 -2.53 -10.12 -17.69
C LEU D 77 -2.12 -8.69 -18.09
N SER D 78 -1.38 -7.96 -17.26
CA SER D 78 -0.94 -6.58 -17.62
C SER D 78 0.04 -6.66 -18.80
N THR D 79 0.91 -7.68 -18.82
CA THR D 79 1.88 -7.89 -19.91
C THR D 79 1.12 -8.23 -21.19
N VAL D 80 0.13 -9.12 -21.09
CA VAL D 80 -0.71 -9.50 -22.26
C VAL D 80 -1.41 -8.24 -22.79
N LYS D 81 -1.99 -7.43 -21.92
CA LYS D 81 -2.74 -6.21 -22.28
C LYS D 81 -1.80 -5.23 -22.99
N ARG D 82 -0.58 -5.03 -22.48
CA ARG D 82 0.39 -4.10 -23.11
C ARG D 82 0.74 -4.60 -24.52
N LYS D 83 0.98 -5.91 -24.67
CA LYS D 83 1.32 -6.51 -25.98
C LYS D 83 0.14 -6.31 -26.94
N MET D 84 -1.09 -6.54 -26.48
CA MET D 84 -2.32 -6.39 -27.31
C MET D 84 -2.45 -4.93 -27.75
N GLU D 85 -2.29 -3.97 -26.82
CA GLU D 85 -2.39 -2.51 -27.09
C GLU D 85 -1.30 -2.11 -28.10
N ASN D 86 -0.14 -2.74 -28.05
CA ASN D 86 0.99 -2.42 -28.97
C ASN D 86 0.86 -3.17 -30.31
N ARG D 87 -0.18 -4.00 -30.46
CA ARG D 87 -0.41 -4.84 -31.66
C ARG D 87 0.74 -5.82 -31.87
N ASP D 88 1.26 -6.41 -30.81
CA ASP D 88 2.47 -7.28 -30.86
C ASP D 88 2.10 -8.73 -31.19
N TYR D 89 0.83 -9.12 -31.12
CA TYR D 89 0.43 -10.54 -31.37
C TYR D 89 0.23 -10.75 -32.87
N ARG D 90 0.91 -11.75 -33.41
CA ARG D 90 0.84 -12.14 -34.85
C ARG D 90 -0.51 -12.82 -35.11
N ASP D 91 -1.04 -13.57 -34.14
CA ASP D 91 -2.31 -14.34 -34.32
C ASP D 91 -2.84 -14.78 -32.95
N ALA D 92 -4.03 -15.40 -32.95
CA ALA D 92 -4.74 -15.83 -31.72
C ALA D 92 -3.91 -16.88 -30.98
N GLN D 93 -3.15 -17.72 -31.69
CA GLN D 93 -2.33 -18.80 -31.07
C GLN D 93 -1.25 -18.19 -30.18
N GLU D 94 -0.64 -17.07 -30.59
CA GLU D 94 0.41 -16.40 -29.77
C GLU D 94 -0.23 -15.85 -28.50
N PHE D 95 -1.43 -15.28 -28.59
CA PHE D 95 -2.21 -14.77 -27.44
C PHE D 95 -2.48 -15.93 -26.48
N ALA D 96 -3.02 -17.04 -26.99
CA ALA D 96 -3.35 -18.24 -26.17
C ALA D 96 -2.08 -18.77 -25.50
N ALA D 97 -0.94 -18.77 -26.18
CA ALA D 97 0.33 -19.27 -25.63
C ALA D 97 0.72 -18.44 -24.40
N ASP D 98 0.57 -17.11 -24.47
CA ASP D 98 0.94 -16.23 -23.32
C ASP D 98 -0.02 -16.49 -22.15
N VAL D 99 -1.32 -16.59 -22.41
CA VAL D 99 -2.30 -16.81 -21.30
C VAL D 99 -2.00 -18.18 -20.67
N ARG D 100 -1.75 -19.20 -21.47
CA ARG D 100 -1.46 -20.56 -20.92
C ARG D 100 -0.12 -20.57 -20.19
N LEU D 101 0.86 -19.79 -20.63
CA LEU D 101 2.17 -19.66 -19.95
C LEU D 101 1.93 -19.11 -18.54
N MET D 102 1.08 -18.09 -18.42
CA MET D 102 0.75 -17.47 -17.11
C MET D 102 0.20 -18.55 -16.17
N PHE D 103 -0.75 -19.37 -16.64
CA PHE D 103 -1.34 -20.44 -15.80
C PHE D 103 -0.29 -21.51 -15.50
N SER D 104 0.46 -21.92 -16.52
CA SER D 104 1.49 -23.00 -16.37
CA SER D 104 1.50 -22.99 -16.39
C SER D 104 2.54 -22.57 -15.34
N ASN D 105 2.96 -21.30 -15.36
CA ASN D 105 3.93 -20.80 -14.35
C ASN D 105 3.37 -21.01 -12.95
N CYS D 106 2.10 -20.69 -12.75
CA CYS D 106 1.41 -20.80 -11.46
C CYS D 106 1.39 -22.29 -11.03
N TYR D 107 1.02 -23.20 -11.93
CA TYR D 107 0.98 -24.64 -11.61
C TYR D 107 2.40 -25.14 -11.35
N LYS D 108 3.38 -24.68 -12.14
CA LYS D 108 4.78 -25.18 -12.03
C LYS D 108 5.33 -24.82 -10.64
N TYR D 109 5.15 -23.58 -10.21
CA TYR D 109 5.81 -23.08 -8.99
C TYR D 109 5.14 -23.60 -7.72
N ASN D 110 3.82 -23.77 -7.72
CA ASN D 110 3.01 -23.88 -6.48
C ASN D 110 2.61 -25.32 -6.20
N PRO D 111 2.47 -25.66 -4.89
CA PRO D 111 1.85 -26.92 -4.49
C PRO D 111 0.36 -26.90 -4.81
N PRO D 112 -0.25 -28.09 -5.04
CA PRO D 112 -1.60 -28.17 -5.59
C PRO D 112 -2.70 -27.64 -4.65
N ASP D 113 -2.41 -27.49 -3.35
CA ASP D 113 -3.38 -27.03 -2.32
C ASP D 113 -3.29 -25.52 -2.09
N HIS D 114 -2.41 -24.79 -2.77
CA HIS D 114 -2.30 -23.31 -2.56
C HIS D 114 -3.55 -22.66 -3.15
N ASP D 115 -4.09 -21.67 -2.45
CA ASP D 115 -5.25 -20.85 -2.90
C ASP D 115 -5.03 -20.37 -4.34
N VAL D 116 -3.80 -20.00 -4.71
CA VAL D 116 -3.56 -19.36 -6.03
C VAL D 116 -3.80 -20.39 -7.14
N VAL D 117 -3.55 -21.67 -6.86
CA VAL D 117 -3.74 -22.75 -7.88
C VAL D 117 -5.25 -22.91 -8.15
N ALA D 118 -6.08 -22.89 -7.10
CA ALA D 118 -7.55 -22.96 -7.23
C ALA D 118 -8.04 -21.75 -8.05
N MET D 119 -7.45 -20.58 -7.84
CA MET D 119 -7.86 -19.36 -8.55
C MET D 119 -7.45 -19.45 -10.02
N ALA D 120 -6.24 -19.93 -10.30
CA ALA D 120 -5.72 -20.12 -11.67
C ALA D 120 -6.70 -21.04 -12.42
N ARG D 121 -7.12 -22.15 -11.80
CA ARG D 121 -8.01 -23.12 -12.47
C ARG D 121 -9.34 -22.48 -12.83
N LYS D 122 -9.90 -21.67 -11.94
CA LYS D 122 -11.19 -20.99 -12.17
C LYS D 122 -11.05 -20.00 -13.32
N LEU D 123 -9.98 -19.21 -13.34
CA LEU D 123 -9.79 -18.23 -14.44
C LEU D 123 -9.48 -18.98 -15.74
N GLN D 124 -8.69 -20.05 -15.67
CA GLN D 124 -8.34 -20.79 -16.90
C GLN D 124 -9.60 -21.39 -17.51
N ASP D 125 -10.56 -21.84 -16.69
CA ASP D 125 -11.84 -22.40 -17.21
C ASP D 125 -12.57 -21.32 -18.03
N VAL D 126 -12.54 -20.07 -17.57
CA VAL D 126 -13.19 -18.94 -18.30
C VAL D 126 -12.46 -18.77 -19.62
N PHE D 127 -11.12 -18.67 -19.56
CA PHE D 127 -10.29 -18.46 -20.77
C PHE D 127 -10.53 -19.58 -21.80
N GLU D 128 -10.37 -20.84 -21.39
CA GLU D 128 -10.41 -21.98 -22.34
C GLU D 128 -11.78 -22.05 -23.01
N PHE D 129 -12.85 -21.79 -22.26
CA PHE D 129 -14.23 -21.88 -22.78
C PHE D 129 -14.44 -20.80 -23.84
N ARG D 130 -14.06 -19.55 -23.53
CA ARG D 130 -14.25 -18.42 -24.46
C ARG D 130 -13.34 -18.59 -25.68
N TYR D 131 -12.10 -19.02 -25.48
CA TYR D 131 -11.12 -19.19 -26.58
C TYR D 131 -11.65 -20.25 -27.57
N ALA D 132 -12.25 -21.32 -27.04
CA ALA D 132 -12.77 -22.44 -27.88
C ALA D 132 -13.92 -21.96 -28.77
N LYS D 133 -14.67 -20.94 -28.34
CA LYS D 133 -15.87 -20.42 -29.06
C LYS D 133 -15.48 -19.36 -30.10
N MET D 134 -14.19 -19.14 -30.33
CA MET D 134 -13.71 -18.12 -31.30
C MET D 134 -14.15 -18.48 -32.72
N PRO D 135 -14.87 -17.59 -33.43
CA PRO D 135 -15.03 -17.70 -34.89
C PRO D 135 -13.73 -17.39 -35.64
#